data_5F02
#
_entry.id   5F02
#
_cell.length_a   45.937
_cell.length_b   57.492
_cell.length_c   75.691
_cell.angle_alpha   90.00
_cell.angle_beta   90.00
_cell.angle_gamma   90.00
#
_symmetry.space_group_name_H-M   'P 21 21 21'
#
loop_
_entity.id
_entity.type
_entity.pdbx_description
1 polymer 'Cathepsin L1'
2 non-polymer GLYCEROL
3 non-polymer (2~{S},4~{R})-4-[(2-chloranyl-4-methoxy-phenyl)-bis(oxidanyl)-$l^{4}-sulfanyl]-1-[3-(5-chloranylpyridin-2-yl)azetidin-3-yl]carbonyl-~{N}-[1-(iminomethyl)cyclopropyl]pyrrolidine-2-carboxamide
4 water water
#
_entity_poly.entity_id   1
_entity_poly.type   'polypeptide(L)'
_entity_poly.pdbx_seq_one_letter_code
;APRSVDWREKGYVTPVKNQGQCGSCWAFSATGALEGQMFRKTGRLISLSEQNLVDCSGPQGNEGCNGGLMDYAFQYVQDN
GGLDSEESYPYEATEESCKYNPKYSVANDTGFVDIPKQEKALMKAVATVGPISVAIDAGHESFLFYKEGIYFEPDCSSED
MDHGVLVVGYGFESTESDNNKYWLVKNSWGEEWGMGGYVKMAKDRRNHCGIASAASYPTV
;
_entity_poly.pdbx_strand_id   A
#
loop_
_chem_comp.id
_chem_comp.type
_chem_comp.name
_chem_comp.formula
5T9 non-polymer (2~{S},4~{R})-4-[(2-chloranyl-4-methoxy-phenyl)-bis(oxidanyl)-$l^{4}-sulfanyl]-1-[3-(5-chloranylpyridin-2-yl)azetidin-3-yl]carbonyl-~{N}-[1-(iminomethyl)cyclopropyl]pyrrolidine-2-carboxamide 'C25 H29 Cl2 N5 O5 S'
GOL non-polymer GLYCEROL 'C3 H8 O3'
#
# COMPACT_ATOMS: atom_id res chain seq x y z
N ALA A 1 -19.52 -5.26 -8.28
CA ALA A 1 -18.64 -4.14 -7.83
C ALA A 1 -18.96 -2.89 -8.67
N PRO A 2 -18.85 -1.68 -8.07
CA PRO A 2 -19.05 -0.44 -8.82
C PRO A 2 -18.07 -0.33 -9.97
N ARG A 3 -18.39 0.51 -10.96
CA ARG A 3 -17.52 0.71 -12.12
C ARG A 3 -16.24 1.47 -11.73
N SER A 4 -16.33 2.29 -10.70
N SER A 4 -16.33 2.28 -10.68
CA SER A 4 -15.19 3.01 -10.18
CA SER A 4 -15.23 3.08 -10.20
C SER A 4 -15.30 3.15 -8.67
C SER A 4 -15.30 3.18 -8.67
N VAL A 5 -14.15 3.10 -8.01
CA VAL A 5 -14.04 3.25 -6.56
C VAL A 5 -12.85 4.17 -6.31
N ASP A 6 -12.99 5.10 -5.38
CA ASP A 6 -11.87 5.92 -4.91
C ASP A 6 -12.02 6.20 -3.40
N TRP A 7 -11.32 5.43 -2.59
CA TRP A 7 -11.44 5.53 -1.14
C TRP A 7 -10.94 6.87 -0.58
N ARG A 8 -10.12 7.61 -1.34
CA ARG A 8 -9.71 8.96 -0.89
C ARG A 8 -10.93 9.86 -0.68
N GLU A 9 -11.90 9.73 -1.59
CA GLU A 9 -13.14 10.50 -1.50
C GLU A 9 -13.91 10.27 -0.20
N LYS A 10 -13.77 9.07 0.37
CA LYS A 10 -14.53 8.69 1.58
C LYS A 10 -13.75 8.91 2.89
N GLY A 11 -12.55 9.49 2.80
CA GLY A 11 -11.76 9.84 3.98
C GLY A 11 -10.87 8.73 4.55
N TYR A 12 -10.62 7.70 3.75
CA TYR A 12 -9.87 6.52 4.21
C TYR A 12 -8.35 6.66 4.09
N VAL A 13 -7.86 7.70 3.43
CA VAL A 13 -6.47 7.74 2.95
C VAL A 13 -5.74 9.00 3.43
N THR A 14 -4.59 8.79 4.05
CA THR A 14 -3.77 9.93 4.50
C THR A 14 -3.01 10.55 3.33
N PRO A 15 -2.44 11.76 3.54
CA PRO A 15 -1.61 12.32 2.46
C PRO A 15 -0.43 11.43 2.12
N VAL A 16 0.06 11.61 0.89
CA VAL A 16 1.24 10.91 0.39
C VAL A 16 2.46 11.22 1.25
N LYS A 17 3.19 10.17 1.60
CA LYS A 17 4.38 10.24 2.42
C LYS A 17 5.58 9.93 1.54
N ASN A 18 6.76 10.01 2.15
CA ASN A 18 8.01 9.82 1.42
C ASN A 18 8.97 8.98 2.25
N GLN A 19 9.17 7.73 1.81
CA GLN A 19 10.09 6.82 2.48
C GLN A 19 11.56 7.26 2.47
N GLY A 20 11.93 8.18 1.58
CA GLY A 20 13.34 8.57 1.44
C GLY A 20 14.20 7.41 0.93
N GLN A 21 15.47 7.39 1.33
CA GLN A 21 16.42 6.39 0.82
CA GLN A 21 16.43 6.40 0.82
C GLN A 21 16.42 5.06 1.58
N CYS A 22 15.44 4.88 2.48
CA CYS A 22 15.30 3.67 3.25
C CYS A 22 14.37 2.71 2.50
N GLY A 23 14.69 1.42 2.53
CA GLY A 23 13.89 0.40 1.85
C GLY A 23 12.71 -0.06 2.69
N SER A 24 11.84 0.89 2.96
CA SER A 24 10.71 0.75 3.88
C SER A 24 9.34 0.80 3.17
N CYS A 25 9.32 0.61 1.85
CA CYS A 25 8.05 0.66 1.11
C CYS A 25 6.96 -0.21 1.74
N TRP A 26 7.38 -1.40 2.14
CA TRP A 26 6.50 -2.37 2.80
C TRP A 26 5.80 -1.79 4.04
N ALA A 27 6.52 -0.95 4.79
CA ALA A 27 5.96 -0.31 5.98
C ALA A 27 4.90 0.74 5.64
N PHE A 28 5.14 1.48 4.57
CA PHE A 28 4.19 2.48 4.10
C PHE A 28 2.95 1.82 3.52
N SER A 29 3.14 0.71 2.80
CA SER A 29 2.01 -0.07 2.29
C SER A 29 1.15 -0.58 3.44
N ALA A 30 1.80 -1.10 4.48
CA ALA A 30 1.11 -1.66 5.63
C ALA A 30 0.39 -0.61 6.47
N THR A 31 1.03 0.53 6.73
CA THR A 31 0.34 1.60 7.45
C THR A 31 -0.83 2.14 6.64
N GLY A 32 -0.67 2.24 5.33
CA GLY A 32 -1.75 2.64 4.45
C GLY A 32 -3.00 1.79 4.60
N ALA A 33 -2.80 0.48 4.55
CA ALA A 33 -3.92 -0.44 4.66
C ALA A 33 -4.54 -0.39 6.07
N LEU A 34 -3.70 -0.33 7.09
N LEU A 34 -3.69 -0.33 7.08
CA LEU A 34 -4.21 -0.27 8.47
CA LEU A 34 -4.15 -0.24 8.49
C LEU A 34 -4.93 1.06 8.76
C LEU A 34 -4.90 1.07 8.78
N GLU A 35 -4.41 2.19 8.24
CA GLU A 35 -5.07 3.51 8.34
C GLU A 35 -6.52 3.42 7.82
N GLY A 36 -6.67 2.77 6.68
CA GLY A 36 -7.98 2.56 6.08
C GLY A 36 -8.91 1.70 6.92
N GLN A 37 -8.40 0.58 7.45
CA GLN A 37 -9.25 -0.32 8.22
C GLN A 37 -9.62 0.30 9.57
N MET A 38 -8.68 1.01 10.18
CA MET A 38 -8.98 1.72 11.42
C MET A 38 -10.03 2.80 11.17
N PHE A 39 -9.94 3.48 10.03
CA PHE A 39 -10.94 4.50 9.70
C PHE A 39 -12.32 3.86 9.57
N ARG A 40 -12.40 2.72 8.88
CA ARG A 40 -13.66 2.02 8.77
C ARG A 40 -14.23 1.66 10.15
N LYS A 41 -13.36 1.20 11.04
CA LYS A 41 -13.76 0.78 12.39
C LYS A 41 -14.24 1.94 13.29
N THR A 42 -13.48 3.03 13.31
CA THR A 42 -13.66 4.10 14.29
C THR A 42 -14.18 5.44 13.76
N GLY A 43 -14.05 5.66 12.45
CA GLY A 43 -14.36 6.96 11.84
C GLY A 43 -13.27 7.99 12.00
N ARG A 44 -12.11 7.58 12.53
CA ARG A 44 -10.97 8.48 12.75
C ARG A 44 -9.80 8.09 11.87
N LEU A 45 -9.35 9.04 11.05
CA LEU A 45 -8.17 8.85 10.21
C LEU A 45 -6.95 9.36 10.95
N ILE A 46 -6.07 8.43 11.31
CA ILE A 46 -4.87 8.79 12.08
C ILE A 46 -3.63 8.21 11.40
N SER A 47 -2.68 9.08 11.06
CA SER A 47 -1.43 8.62 10.42
C SER A 47 -0.65 7.74 11.38
N LEU A 48 -0.16 6.60 10.86
CA LEU A 48 0.52 5.58 11.69
C LEU A 48 2.01 5.60 11.44
N SER A 49 2.75 5.08 12.40
CA SER A 49 4.22 5.13 12.42
C SER A 49 4.88 4.00 11.60
N GLU A 50 5.39 4.35 10.43
CA GLU A 50 6.27 3.44 9.68
C GLU A 50 7.54 3.13 10.46
N GLN A 51 8.06 4.14 11.19
CA GLN A 51 9.30 3.97 11.96
C GLN A 51 9.13 2.83 12.99
N ASN A 52 7.97 2.78 13.64
CA ASN A 52 7.65 1.72 14.60
C ASN A 52 7.78 0.34 13.92
N LEU A 53 7.29 0.22 12.70
CA LEU A 53 7.43 -1.02 11.95
C LEU A 53 8.88 -1.32 11.56
N VAL A 54 9.59 -0.30 11.06
CA VAL A 54 10.97 -0.48 10.63
C VAL A 54 11.86 -0.93 11.80
N ASP A 55 11.69 -0.29 12.95
CA ASP A 55 12.55 -0.53 14.12
C ASP A 55 12.24 -1.81 14.87
N CYS A 56 10.98 -2.27 14.82
CA CYS A 56 10.48 -3.26 15.80
C CYS A 56 9.99 -4.61 15.25
N SER A 57 9.82 -4.75 13.94
CA SER A 57 9.19 -5.96 13.38
C SER A 57 10.21 -6.97 12.83
N GLY A 58 11.45 -6.88 13.31
CA GLY A 58 12.45 -7.92 13.04
C GLY A 58 12.03 -9.34 13.38
N PRO A 59 11.44 -9.55 14.56
CA PRO A 59 11.07 -10.92 14.95
C PRO A 59 10.09 -11.58 13.98
N GLN A 60 9.26 -10.76 13.34
CA GLN A 60 8.26 -11.24 12.38
C GLN A 60 8.84 -11.50 10.98
N GLY A 61 10.10 -11.15 10.76
CA GLY A 61 10.78 -11.40 9.49
C GLY A 61 11.22 -10.17 8.72
N ASN A 62 10.85 -8.97 9.16
CA ASN A 62 11.17 -7.75 8.40
C ASN A 62 12.63 -7.38 8.59
N GLU A 63 13.18 -6.70 7.59
CA GLU A 63 14.60 -6.38 7.54
C GLU A 63 14.81 -4.87 7.44
N GLY A 64 14.00 -4.11 8.15
CA GLY A 64 14.24 -2.68 8.28
C GLY A 64 14.28 -1.87 7.00
N CYS A 65 15.38 -1.16 6.77
CA CYS A 65 15.55 -0.40 5.55
C CYS A 65 16.06 -1.24 4.37
N ASN A 66 16.17 -2.55 4.58
CA ASN A 66 16.56 -3.49 3.54
C ASN A 66 15.39 -4.36 3.03
N GLY A 67 14.17 -3.99 3.36
CA GLY A 67 13.01 -4.69 2.82
C GLY A 67 12.20 -5.41 3.87
N GLY A 68 11.03 -5.87 3.43
CA GLY A 68 10.06 -6.47 4.32
C GLY A 68 8.78 -6.82 3.60
N LEU A 69 7.85 -7.39 4.36
CA LEU A 69 6.55 -7.81 3.83
C LEU A 69 5.44 -7.16 4.61
N MET A 70 4.40 -6.76 3.89
CA MET A 70 3.25 -6.14 4.55
C MET A 70 2.61 -7.13 5.54
N ASP A 71 2.56 -8.43 5.19
CA ASP A 71 1.93 -9.39 6.09
C ASP A 71 2.77 -9.55 7.37
N TYR A 72 4.11 -9.44 7.27
CA TYR A 72 4.96 -9.53 8.46
C TYR A 72 4.65 -8.32 9.36
N ALA A 73 4.43 -7.15 8.74
CA ALA A 73 4.04 -5.93 9.46
C ALA A 73 2.69 -6.15 10.18
N PHE A 74 1.71 -6.71 9.49
CA PHE A 74 0.41 -6.96 10.12
C PHE A 74 0.56 -7.93 11.29
N GLN A 75 1.41 -8.94 11.11
CA GLN A 75 1.66 -9.90 12.18
C GLN A 75 2.29 -9.22 13.41
N TYR A 76 3.25 -8.32 13.17
CA TYR A 76 3.86 -7.53 14.23
C TYR A 76 2.82 -6.78 15.05
N VAL A 77 1.91 -6.10 14.36
CA VAL A 77 0.91 -5.30 15.07
C VAL A 77 0.06 -6.18 15.99
N GLN A 78 -0.33 -7.34 15.48
CA GLN A 78 -1.09 -8.32 16.27
C GLN A 78 -0.28 -8.86 17.48
N ASP A 79 0.96 -9.27 17.23
CA ASP A 79 1.85 -9.81 18.27
C ASP A 79 2.10 -8.78 19.36
N ASN A 80 2.30 -7.55 18.92
CA ASN A 80 2.71 -6.47 19.75
C ASN A 80 1.57 -5.85 20.55
N GLY A 81 0.36 -6.03 20.04
CA GLY A 81 -0.84 -5.52 20.66
C GLY A 81 -1.12 -4.07 20.35
N GLY A 82 -0.43 -3.54 19.33
CA GLY A 82 -0.63 -2.16 18.96
C GLY A 82 0.43 -1.60 18.03
N LEU A 83 0.20 -0.34 17.64
CA LEU A 83 1.09 0.40 16.74
C LEU A 83 0.96 1.90 17.06
N ASP A 84 2.09 2.57 17.21
CA ASP A 84 2.06 3.97 17.56
C ASP A 84 1.67 4.85 16.39
N SER A 85 1.18 6.03 16.74
CA SER A 85 0.91 7.07 15.75
C SER A 85 2.20 7.62 15.15
N GLU A 86 2.08 8.11 13.93
CA GLU A 86 3.16 8.89 13.28
C GLU A 86 3.64 10.00 14.18
N GLU A 87 2.71 10.72 14.79
CA GLU A 87 3.03 11.89 15.62
C GLU A 87 3.90 11.48 16.81
N SER A 88 3.57 10.36 17.45
CA SER A 88 4.30 9.90 18.64
C SER A 88 5.64 9.24 18.33
N TYR A 89 5.78 8.75 17.09
CA TYR A 89 6.95 7.95 16.71
C TYR A 89 7.27 8.31 15.25
N PRO A 90 7.88 9.49 15.04
CA PRO A 90 8.04 10.05 13.69
C PRO A 90 9.07 9.33 12.82
N TYR A 91 8.91 9.48 11.51
CA TYR A 91 9.75 8.76 10.56
C TYR A 91 11.15 9.36 10.43
N GLU A 92 12.16 8.50 10.48
CA GLU A 92 13.58 8.89 10.45
C GLU A 92 14.30 8.41 9.19
N ALA A 93 13.69 7.49 8.46
CA ALA A 93 14.30 6.91 7.25
C ALA A 93 15.64 6.18 7.49
N THR A 94 15.85 5.71 8.72
CA THR A 94 16.97 4.84 9.07
C THR A 94 16.51 3.91 10.16
N GLU A 95 17.03 2.69 10.16
CA GLU A 95 16.67 1.74 11.19
C GLU A 95 17.36 2.06 12.52
N GLU A 96 16.56 2.09 13.58
CA GLU A 96 17.00 2.48 14.91
C GLU A 96 16.47 1.46 15.91
N SER A 97 16.87 1.58 17.17
CA SER A 97 16.34 0.71 18.22
C SER A 97 14.83 0.86 18.39
N CYS A 98 14.16 -0.19 18.80
CA CYS A 98 12.72 -0.16 18.94
C CYS A 98 12.30 0.78 20.09
N LYS A 99 11.44 1.75 19.79
CA LYS A 99 10.98 2.71 20.80
C LYS A 99 9.46 2.68 20.99
N TYR A 100 8.87 1.53 20.69
CA TYR A 100 7.44 1.36 20.85
C TYR A 100 6.98 1.69 22.25
N ASN A 101 5.97 2.56 22.35
CA ASN A 101 5.36 2.90 23.61
C ASN A 101 3.86 2.65 23.54
N PRO A 102 3.37 1.71 24.34
CA PRO A 102 1.96 1.33 24.26
C PRO A 102 0.98 2.47 24.63
N LYS A 103 1.45 3.45 25.40
CA LYS A 103 0.63 4.61 25.75
C LYS A 103 0.13 5.34 24.50
N TYR A 104 0.91 5.30 23.43
CA TYR A 104 0.59 6.03 22.20
C TYR A 104 0.10 5.13 21.07
N SER A 105 -0.25 3.88 21.40
CA SER A 105 -0.83 3.00 20.39
C SER A 105 -2.20 3.52 19.99
N VAL A 106 -2.42 3.61 18.68
CA VAL A 106 -3.69 4.09 18.11
C VAL A 106 -4.31 3.12 17.10
N ALA A 107 -3.65 1.99 16.87
CA ALA A 107 -4.13 0.97 15.91
C ALA A 107 -3.83 -0.43 16.41
N ASN A 108 -4.64 -1.39 15.97
CA ASN A 108 -4.46 -2.79 16.32
C ASN A 108 -4.88 -3.62 15.12
N ASP A 109 -4.46 -4.88 15.09
CA ASP A 109 -5.06 -5.80 14.13
C ASP A 109 -5.07 -7.22 14.68
N THR A 110 -5.90 -8.04 14.08
CA THR A 110 -6.22 -9.36 14.57
C THR A 110 -5.82 -10.41 13.54
N GLY A 111 -4.96 -10.02 12.62
CA GLY A 111 -4.51 -10.86 11.54
C GLY A 111 -4.62 -10.14 10.20
N PHE A 112 -4.63 -10.93 9.14
CA PHE A 112 -4.69 -10.39 7.81
C PHE A 112 -5.27 -11.43 6.87
N VAL A 113 -5.73 -10.92 5.73
CA VAL A 113 -6.33 -11.70 4.67
C VAL A 113 -5.47 -11.57 3.42
N ASP A 114 -5.08 -12.71 2.85
CA ASP A 114 -4.42 -12.74 1.55
C ASP A 114 -5.49 -12.94 0.48
N ILE A 115 -5.53 -12.03 -0.48
CA ILE A 115 -6.55 -12.04 -1.53
C ILE A 115 -6.15 -13.04 -2.62
N PRO A 116 -7.13 -13.78 -3.17
CA PRO A 116 -6.80 -14.68 -4.28
C PRO A 116 -6.11 -13.93 -5.42
N LYS A 117 -5.21 -14.64 -6.11
CA LYS A 117 -4.26 -14.04 -7.03
C LYS A 117 -4.83 -13.77 -8.44
N GLN A 118 -5.94 -13.04 -8.48
CA GLN A 118 -6.61 -12.64 -9.72
C GLN A 118 -7.09 -11.22 -9.55
N GLU A 119 -7.07 -10.46 -10.64
CA GLU A 119 -7.53 -9.08 -10.62
C GLU A 119 -9.03 -8.96 -10.29
N LYS A 120 -9.84 -9.94 -10.70
CA LYS A 120 -11.28 -9.97 -10.36
CA LYS A 120 -11.26 -9.85 -10.35
C LYS A 120 -11.47 -9.97 -8.84
N ALA A 121 -10.70 -10.84 -8.16
CA ALA A 121 -10.71 -10.92 -6.70
C ALA A 121 -10.22 -9.64 -6.05
N LEU A 122 -9.17 -9.05 -6.63
CA LEU A 122 -8.64 -7.79 -6.11
C LEU A 122 -9.68 -6.70 -6.21
N MET A 123 -10.39 -6.66 -7.33
CA MET A 123 -11.43 -5.67 -7.54
C MET A 123 -12.53 -5.81 -6.49
N LYS A 124 -12.97 -7.04 -6.23
CA LYS A 124 -14.01 -7.26 -5.22
C LYS A 124 -13.56 -6.82 -3.82
N ALA A 125 -12.28 -7.07 -3.49
CA ALA A 125 -11.73 -6.65 -2.21
C ALA A 125 -11.67 -5.12 -2.09
N VAL A 126 -11.15 -4.44 -3.11
CA VAL A 126 -11.08 -2.98 -3.08
C VAL A 126 -12.50 -2.37 -2.90
N ALA A 127 -13.46 -2.91 -3.63
CA ALA A 127 -14.86 -2.47 -3.57
C ALA A 127 -15.50 -2.62 -2.19
N THR A 128 -15.15 -3.69 -1.49
CA THR A 128 -15.86 -4.07 -0.26
C THR A 128 -15.08 -3.80 1.05
N VAL A 129 -13.76 -3.69 0.98
CA VAL A 129 -12.90 -3.63 2.17
C VAL A 129 -12.35 -2.22 2.43
N GLY A 130 -11.79 -1.61 1.38
CA GLY A 130 -11.05 -0.35 1.49
C GLY A 130 -9.70 -0.51 0.79
N PRO A 131 -8.75 0.37 1.10
CA PRO A 131 -7.43 0.27 0.51
C PRO A 131 -6.74 -1.07 0.82
N ILE A 132 -6.03 -1.57 -0.20
CA ILE A 132 -5.43 -2.89 -0.14
C ILE A 132 -3.93 -2.76 -0.37
N SER A 133 -3.12 -3.42 0.47
CA SER A 133 -1.67 -3.53 0.25
C SER A 133 -1.38 -4.47 -0.91
N VAL A 134 -0.52 -4.05 -1.83
CA VAL A 134 -0.14 -4.88 -2.99
C VAL A 134 1.36 -4.76 -3.25
N ALA A 135 1.87 -5.83 -3.85
CA ALA A 135 3.19 -5.94 -4.37
C ALA A 135 3.13 -5.67 -5.89
N ILE A 136 4.09 -4.90 -6.40
CA ILE A 136 4.21 -4.67 -7.85
C ILE A 136 5.68 -4.76 -8.29
N ASP A 137 5.86 -5.07 -9.56
CA ASP A 137 7.13 -4.95 -10.25
C ASP A 137 7.31 -3.47 -10.61
N ALA A 138 8.11 -2.79 -9.81
CA ALA A 138 8.43 -1.39 -10.00
C ALA A 138 9.86 -1.24 -10.56
N GLY A 139 10.49 -2.35 -10.96
CA GLY A 139 11.91 -2.36 -11.30
C GLY A 139 12.22 -2.02 -12.75
N HIS A 140 11.57 -0.97 -13.26
CA HIS A 140 11.82 -0.46 -14.61
C HIS A 140 11.91 1.05 -14.53
N GLU A 141 12.81 1.63 -15.32
CA GLU A 141 12.99 3.06 -15.31
C GLU A 141 11.72 3.82 -15.71
N SER A 142 10.86 3.21 -16.51
CA SER A 142 9.56 3.80 -16.88
C SER A 142 8.71 4.11 -15.63
N PHE A 143 8.81 3.26 -14.61
CA PHE A 143 8.10 3.51 -13.34
C PHE A 143 8.73 4.66 -12.55
N LEU A 144 10.06 4.64 -12.46
CA LEU A 144 10.79 5.69 -11.74
C LEU A 144 10.45 7.07 -12.30
N PHE A 145 10.33 7.16 -13.62
CA PHE A 145 10.08 8.45 -14.26
C PHE A 145 8.63 8.67 -14.67
N TYR A 146 7.72 7.81 -14.20
CA TYR A 146 6.29 7.97 -14.46
C TYR A 146 5.78 9.35 -14.03
N LYS A 147 4.94 9.96 -14.87
CA LYS A 147 4.41 11.32 -14.63
C LYS A 147 2.88 11.36 -14.58
N GLU A 148 2.24 10.76 -15.58
CA GLU A 148 0.78 10.82 -15.71
C GLU A 148 0.28 9.74 -16.65
N GLY A 149 -1.04 9.54 -16.64
CA GLY A 149 -1.71 8.55 -17.47
C GLY A 149 -1.67 7.14 -16.93
N ILE A 150 -2.10 6.19 -17.75
CA ILE A 150 -2.12 4.79 -17.36
C ILE A 150 -0.77 4.14 -17.64
N TYR A 151 -0.10 3.72 -16.56
CA TYR A 151 1.20 3.05 -16.64
C TYR A 151 1.06 1.65 -17.22
N PHE A 152 1.69 1.42 -18.38
CA PHE A 152 1.87 0.09 -18.95
C PHE A 152 3.34 -0.07 -19.35
N GLU A 153 3.94 -1.16 -18.91
CA GLU A 153 5.32 -1.52 -19.17
C GLU A 153 5.32 -2.93 -19.75
N PRO A 154 5.55 -3.07 -21.06
CA PRO A 154 5.52 -4.39 -21.69
C PRO A 154 6.41 -5.44 -21.04
N ASP A 155 7.48 -5.01 -20.39
CA ASP A 155 8.45 -5.91 -19.76
C ASP A 155 8.14 -6.23 -18.30
N CYS A 156 7.02 -5.69 -17.77
CA CYS A 156 6.64 -5.94 -16.38
C CYS A 156 6.43 -7.44 -16.10
N SER A 157 6.81 -7.90 -14.92
CA SER A 157 6.59 -9.28 -14.50
C SER A 157 5.34 -9.34 -13.63
N SER A 158 4.55 -10.41 -13.83
CA SER A 158 3.39 -10.69 -12.99
C SER A 158 3.75 -11.60 -11.79
N GLU A 159 5.00 -12.06 -11.75
CA GLU A 159 5.47 -13.02 -10.74
C GLU A 159 6.58 -12.47 -9.83
N ASP A 160 7.37 -11.54 -10.38
CA ASP A 160 8.58 -11.00 -9.74
C ASP A 160 8.35 -9.54 -9.30
N MET A 161 7.82 -9.35 -8.09
CA MET A 161 7.51 -8.02 -7.58
C MET A 161 8.59 -7.58 -6.60
N ASP A 162 8.77 -6.27 -6.46
CA ASP A 162 9.87 -5.73 -5.67
C ASP A 162 9.51 -4.46 -4.91
N HIS A 163 8.24 -4.08 -4.93
CA HIS A 163 7.82 -2.81 -4.33
C HIS A 163 6.39 -2.91 -3.77
N GLY A 164 6.23 -2.50 -2.52
CA GLY A 164 4.96 -2.55 -1.83
C GLY A 164 4.30 -1.18 -1.89
N VAL A 165 3.06 -1.17 -2.37
CA VAL A 165 2.25 0.05 -2.50
C VAL A 165 0.81 -0.19 -2.01
N LEU A 166 -0.09 0.77 -2.28
CA LEU A 166 -1.44 0.72 -1.75
C LEU A 166 -2.44 1.02 -2.84
N VAL A 167 -3.36 0.08 -3.10
CA VAL A 167 -4.44 0.34 -4.06
C VAL A 167 -5.58 0.98 -3.29
N VAL A 168 -5.95 2.19 -3.72
CA VAL A 168 -7.01 2.96 -3.07
C VAL A 168 -8.29 3.05 -3.91
N GLY A 169 -8.29 2.42 -5.08
CA GLY A 169 -9.46 2.41 -5.92
C GLY A 169 -9.13 1.90 -7.30
N TYR A 170 -10.09 2.08 -8.19
CA TYR A 170 -9.94 1.71 -9.59
C TYR A 170 -10.98 2.49 -10.39
N GLY A 171 -10.81 2.47 -11.70
CA GLY A 171 -11.71 3.21 -12.55
C GLY A 171 -11.31 3.11 -14.00
N PHE A 172 -11.75 4.10 -14.77
CA PHE A 172 -11.48 4.16 -16.20
C PHE A 172 -11.37 5.62 -16.67
N GLU A 173 -10.53 5.84 -17.67
CA GLU A 173 -10.43 7.14 -18.31
C GLU A 173 -11.49 7.24 -19.40
N SER A 174 -12.13 8.40 -19.52
CA SER A 174 -13.12 8.62 -20.57
C SER A 174 -12.48 9.40 -21.71
N THR A 175 -11.71 8.68 -22.54
CA THR A 175 -10.93 9.30 -23.63
C THR A 175 -11.25 8.65 -24.98
N SER A 177 -7.97 5.31 -25.07
CA SER A 177 -9.27 4.95 -25.63
C SER A 177 -9.50 3.44 -25.57
N ASP A 178 -8.64 2.64 -26.22
CA ASP A 178 -8.84 1.16 -26.26
C ASP A 178 -8.48 0.45 -24.97
N ASN A 179 -7.45 0.91 -24.29
CA ASN A 179 -7.11 0.38 -22.96
C ASN A 179 -7.26 1.50 -21.98
N ASN A 180 -8.36 1.50 -21.22
CA ASN A 180 -8.70 2.66 -20.39
C ASN A 180 -8.98 2.35 -18.92
N LYS A 181 -8.81 1.11 -18.47
CA LYS A 181 -9.04 0.79 -17.05
C LYS A 181 -7.75 0.81 -16.25
N TYR A 182 -7.86 1.26 -15.00
CA TYR A 182 -6.72 1.32 -14.14
C TYR A 182 -7.03 1.04 -12.68
N TRP A 183 -5.95 0.68 -11.97
CA TRP A 183 -5.90 0.69 -10.51
C TRP A 183 -5.33 2.03 -10.04
N LEU A 184 -5.96 2.64 -9.04
N LEU A 184 -5.99 2.66 -9.07
CA LEU A 184 -5.44 3.89 -8.47
CA LEU A 184 -5.48 3.88 -8.42
C LEU A 184 -4.53 3.52 -7.30
C LEU A 184 -4.52 3.47 -7.30
N VAL A 185 -3.24 3.81 -7.45
CA VAL A 185 -2.20 3.31 -6.53
C VAL A 185 -1.46 4.49 -5.86
N LYS A 186 -1.45 4.47 -4.53
CA LYS A 186 -0.69 5.40 -3.70
C LYS A 186 0.72 4.85 -3.52
N ASN A 187 1.71 5.64 -3.92
CA ASN A 187 3.11 5.32 -3.71
C ASN A 187 3.63 6.06 -2.45
N SER A 188 4.87 5.79 -2.08
CA SER A 188 5.52 6.40 -0.92
C SER A 188 6.81 7.12 -1.31
N TRP A 189 6.77 7.79 -2.44
CA TRP A 189 7.93 8.51 -2.99
C TRP A 189 7.69 10.01 -3.02
N GLY A 190 6.76 10.47 -2.19
CA GLY A 190 6.41 11.88 -2.11
C GLY A 190 5.45 12.34 -3.19
N GLU A 191 4.96 13.56 -3.04
CA GLU A 191 3.97 14.16 -3.95
C GLU A 191 4.49 14.57 -5.32
N GLU A 192 5.80 14.70 -5.47
CA GLU A 192 6.39 15.15 -6.73
C GLU A 192 6.65 14.04 -7.75
N TRP A 193 6.49 12.79 -7.31
CA TRP A 193 6.53 11.65 -8.23
C TRP A 193 5.12 11.40 -8.74
N GLY A 194 5.01 11.04 -10.01
CA GLY A 194 3.71 10.67 -10.61
C GLY A 194 2.66 11.77 -10.53
N MET A 195 1.41 11.38 -10.30
CA MET A 195 0.28 12.31 -10.20
C MET A 195 0.02 12.57 -8.75
N GLY A 196 0.71 13.57 -8.21
CA GLY A 196 0.62 13.91 -6.80
C GLY A 196 1.02 12.74 -5.90
N GLY A 197 1.89 11.86 -6.37
CA GLY A 197 2.35 10.71 -5.57
C GLY A 197 1.60 9.41 -5.88
N TYR A 198 0.63 9.53 -6.78
CA TYR A 198 -0.19 8.41 -7.25
C TYR A 198 0.22 7.95 -8.66
N VAL A 199 -0.13 6.71 -8.98
CA VAL A 199 0.03 6.16 -10.31
C VAL A 199 -1.24 5.38 -10.68
N LYS A 200 -1.73 5.64 -11.89
N LYS A 200 -1.64 5.47 -11.94
CA LYS A 200 -2.83 4.88 -12.47
CA LYS A 200 -2.63 4.56 -12.51
C LYS A 200 -2.18 3.73 -13.23
C LYS A 200 -1.90 3.35 -13.07
N MET A 201 -2.28 2.53 -12.65
N MET A 201 -2.17 2.16 -12.54
CA MET A 201 -1.66 1.31 -13.17
CA MET A 201 -1.56 1.00 -13.11
C MET A 201 -2.64 0.53 -14.06
C MET A 201 -2.57 0.28 -13.94
N ALA A 202 -2.16 -0.07 -15.15
CA ALA A 202 -3.01 -0.84 -16.09
C ALA A 202 -3.79 -1.92 -15.35
N LYS A 203 -5.11 -1.89 -15.53
CA LYS A 203 -6.03 -2.88 -14.94
C LYS A 203 -6.66 -3.80 -16.01
N ASP A 204 -6.80 -5.08 -15.66
CA ASP A 204 -7.35 -6.14 -16.52
C ASP A 204 -6.53 -6.37 -17.80
N ARG A 205 -5.21 -6.23 -17.65
CA ARG A 205 -4.27 -6.55 -18.71
C ARG A 205 -3.29 -7.63 -18.21
N ARG A 206 -3.86 -8.82 -17.94
CA ARG A 206 -3.11 -10.00 -17.53
CA ARG A 206 -3.09 -10.00 -17.54
C ARG A 206 -2.27 -9.77 -16.28
N ASN A 207 -2.90 -9.16 -15.27
CA ASN A 207 -2.24 -8.95 -13.98
C ASN A 207 -0.92 -8.19 -14.16
N HIS A 208 -1.03 -7.01 -14.73
N HIS A 208 -1.03 -7.01 -14.77
CA HIS A 208 0.12 -6.25 -15.10
CA HIS A 208 0.08 -6.13 -15.12
C HIS A 208 0.92 -5.81 -13.88
C HIS A 208 0.93 -5.77 -13.89
N CYS A 209 2.23 -6.05 -13.97
CA CYS A 209 3.18 -5.79 -12.90
C CYS A 209 2.92 -6.58 -11.61
N GLY A 210 2.09 -7.62 -11.69
CA GLY A 210 1.87 -8.52 -10.56
C GLY A 210 1.01 -7.94 -9.46
N ILE A 211 0.25 -6.90 -9.81
CA ILE A 211 -0.54 -6.15 -8.82
C ILE A 211 -1.52 -7.02 -8.00
N ALA A 212 -2.01 -8.12 -8.58
CA ALA A 212 -2.93 -9.03 -7.88
C ALA A 212 -2.23 -10.26 -7.27
N SER A 213 -0.91 -10.35 -7.43
CA SER A 213 -0.16 -11.55 -7.04
C SER A 213 0.14 -11.69 -5.55
N ALA A 214 0.16 -10.57 -4.82
CA ALA A 214 0.46 -10.59 -3.39
C ALA A 214 -0.27 -9.43 -2.70
N ALA A 215 -1.59 -9.49 -2.77
CA ALA A 215 -2.47 -8.41 -2.26
C ALA A 215 -3.04 -8.87 -0.93
N SER A 216 -3.05 -7.99 0.07
CA SER A 216 -3.54 -8.36 1.39
C SER A 216 -4.00 -7.14 2.17
N TYR A 217 -4.70 -7.36 3.27
CA TYR A 217 -5.12 -6.28 4.16
C TYR A 217 -5.28 -6.84 5.56
N PRO A 218 -5.18 -5.97 6.59
CA PRO A 218 -5.32 -6.42 7.98
C PRO A 218 -6.79 -6.51 8.39
N THR A 219 -7.08 -7.43 9.28
CA THR A 219 -8.38 -7.48 9.94
C THR A 219 -8.27 -6.72 11.25
N VAL A 220 -9.32 -6.00 11.64
CA VAL A 220 -9.27 -5.16 12.84
C VAL A 220 -10.44 -5.44 13.78
C1 GOL B . 11.52 8.36 -2.37
O1 GOL B . 11.78 9.73 -2.09
C2 GOL B . 12.83 7.60 -2.38
O2 GOL B . 12.54 6.21 -2.20
C3 GOL B . 13.58 7.80 -3.70
O3 GOL B . 14.98 7.52 -3.49
H11 GOL B . 10.87 7.95 -1.59
H12 GOL B . 11.01 8.26 -3.33
H2 GOL B . 13.45 7.97 -1.57
H31 GOL B . 13.18 7.14 -4.46
H32 GOL B . 13.47 8.83 -4.02
HO3 GOL B . 15.33 8.10 -2.80
N1 5T9 C . 10.05 -6.83 -0.92
C2 5T9 C . 8.92 -7.64 -0.50
C3 5T9 C . 7.67 -6.74 -0.67
C4 5T9 C . 8.22 -5.33 -0.51
C5 5T9 C . 9.61 -5.47 -1.17
C6 5T9 C . 10.53 -4.39 -0.59
S7 5T9 C . 6.85 -6.92 -2.19
N8 5T9 C . 10.88 -3.43 -1.49
O9 5T9 C . 10.87 -4.33 0.61
C10 5T9 C . 11.62 -2.28 -1.14
C11 5T9 C . 10.77 -1.14 -0.76
N12 5T9 C . 11.21 0.05 -0.51
C13 5T9 C . 12.98 -2.46 -0.48
C14 5T9 C . 12.91 -1.98 -1.89
O15 5T9 C . 5.70 -6.10 -2.14
O16 5T9 C . 7.82 -6.69 -3.21
C17 5T9 C . 6.40 -8.57 -2.24
C18 5T9 C . 5.42 -9.18 -1.46
C19 5T9 C . 5.06 -10.53 -1.55
C20 5T9 C . 5.75 -11.33 -2.46
C21 5T9 C . 6.75 -10.78 -3.26
C22 5T9 C . 7.06 -9.43 -3.15
CL2 5T9 C . 4.56 -8.22 -0.38
O24 5T9 C . 5.34 -12.64 -2.48
C25 5T9 C . 5.93 -13.46 -3.49
C26 5T9 C . 11.32 -7.23 -1.21
C27 5T9 C . 11.72 -8.67 -0.96
O28 5T9 C . 12.16 -6.41 -1.59
C29 5T9 C . 10.97 -9.78 -1.78
N30 5T9 C . 12.25 -10.19 -2.44
C31 5T9 C . 12.98 -9.08 -1.82
C32 5T9 C . 11.87 -8.85 0.50
N33 5T9 C . 12.90 -8.30 1.21
C34 5T9 C . 12.96 -8.55 2.53
C35 5T9 C . 12.01 -9.34 3.21
C36 5T9 C . 10.98 -9.90 2.47
C37 5T9 C . 10.91 -9.66 1.11
CL3 5T9 C . 12.09 -9.63 4.89
H39 5T9 C . 8.82 -8.57 -1.12
H40 5T9 C . 9.07 -7.94 0.57
H41 5T9 C . 6.98 -6.94 0.19
H42 5T9 C . 7.60 -4.59 -1.07
H43 5T9 C . 8.31 -5.02 0.56
H44 5T9 C . 9.52 -5.30 -2.28
H45 5T9 C . 10.61 -3.51 -2.44
H46 5T9 C . 13.23 -1.75 0.34
H47 5T9 C . 13.34 -3.48 -0.27
H48 5T9 C . 13.20 -2.65 -2.71
H49 5T9 C . 13.14 -0.92 -2.12
H50 5T9 C . 4.27 -10.96 -0.93
H51 5T9 C . 7.30 -11.40 -3.98
H52 5T9 C . 7.86 -9.01 -3.79
H56 5T9 C . 10.45 -10.57 -1.20
H57 5T9 C . 10.27 -9.37 -2.55
H58 5T9 C . 12.55 -11.09 -2.17
H59 5T9 C . 13.27 -8.31 -2.57
H60 5T9 C . 13.87 -9.36 -1.20
H61 5T9 C . 13.80 -8.07 3.07
H62 5T9 C . 10.22 -10.52 2.96
H63 5T9 C . 10.09 -10.10 0.53
#